data_3KVM
#
_entry.id   3KVM
#
_cell.length_a   90.783
_cell.length_b   90.783
_cell.length_c   122.988
_cell.angle_alpha   90.000
_cell.angle_beta   90.000
_cell.angle_gamma   120.000
#
_symmetry.space_group_name_H-M   'P 32 2 1'
#
loop_
_entity.id
_entity.type
_entity.pdbx_description
1 polymer 'Dihydroorotate dehydrogenase, mitochondrial'
2 non-polymer 'SULFATE ION'
3 non-polymer 'FLAVIN MONONUCLEOTIDE'
4 non-polymer '(4S)-2,6-DIOXOHEXAHYDROPYRIMIDINE-4-CARBOXYLIC ACID'
5 non-polymer UNDECYLAMINE-N,N-DIMETHYL-N-OXIDE
6 non-polymer 'ACETATE ION'
7 non-polymer '2-[(2E)-2-{[5-(2-chlorophenyl)furan-2-yl]methylidene}hydrazino]benzoic acid'
8 water water
#
_entity_poly.entity_id   1
_entity_poly.type   'polypeptide(L)'
_entity_poly.pdbx_seq_one_letter_code
;MGHHHHHHHHHHSSGHIDDDDKHMATGDERFYAEHLMPTLQGLLDPESAHRLAVRFTSLGLLPRARFQDSDMLEVRVLGH
KFRNPVGIAAGFDKHGEAVDGLYKMGFGFVEIGSVTPKPQEGNPRPRVFRLPEDQAVINRYGFNSHGLSVVEHRLRARQQ
KQAKLTEDGLPLGVNLGKNKTSVDAAEDYAEGVRVLGPLADYLVVNVSSPNTAGLRSLQGKAELRRLLTKVLQERDGLRR
VHRPAVLVKIAPDLTSQDKEDIASVVKELGIDGLIVTNTTVSRPAGLQGALRSETGGLSGKPLRDLSTQTIREMYALTQG
RVPIIGVGGVSSGQDALEKIRAGASLVQLYTALTFWGPPVVGKVKRELEALLKEQGFGGVTDAIGADHRR
;
_entity_poly.pdbx_strand_id   A
#
loop_
_chem_comp.id
_chem_comp.type
_chem_comp.name
_chem_comp.formula
951 non-polymer '2-[(2E)-2-{[5-(2-chlorophenyl)furan-2-yl]methylidene}hydrazino]benzoic acid' 'C18 H13 Cl N2 O3'
ACT non-polymer 'ACETATE ION' 'C2 H3 O2 -1'
DET non-polymer UNDECYLAMINE-N,N-DIMETHYL-N-OXIDE 'C13 H29 N O'
DOR non-polymer '(4S)-2,6-DIOXOHEXAHYDROPYRIMIDINE-4-CARBOXYLIC ACID' 'C5 H6 N2 O4'
FMN non-polymer 'FLAVIN MONONUCLEOTIDE' 'C17 H21 N4 O9 P'
SO4 non-polymer 'SULFATE ION' 'O4 S -2'
#
# COMPACT_ATOMS: atom_id res chain seq x y z
N ALA A 25 -10.08 -22.76 3.39
CA ALA A 25 -9.03 -22.35 2.42
C ALA A 25 -9.51 -22.53 0.98
N THR A 26 -9.08 -23.62 0.35
CA THR A 26 -9.31 -23.82 -1.07
C THR A 26 -10.81 -23.81 -1.39
N GLY A 27 -11.62 -24.21 -0.41
CA GLY A 27 -13.05 -24.31 -0.63
C GLY A 27 -13.71 -23.00 -0.97
N ASP A 28 -13.71 -22.06 -0.03
CA ASP A 28 -14.34 -20.77 -0.30
C ASP A 28 -13.41 -19.86 -1.10
N GLU A 29 -12.15 -20.27 -1.26
CA GLU A 29 -11.27 -19.61 -2.23
C GLU A 29 -11.89 -19.70 -3.61
N ARG A 30 -12.26 -20.91 -4.00
CA ARG A 30 -12.91 -21.12 -5.30
C ARG A 30 -14.33 -20.56 -5.31
N PHE A 31 -15.02 -20.66 -4.18
CA PHE A 31 -16.38 -20.15 -4.10
C PHE A 31 -16.41 -18.64 -4.27
N TYR A 32 -15.46 -17.95 -3.63
CA TYR A 32 -15.40 -16.49 -3.73
C TYR A 32 -14.96 -16.08 -5.12
N ALA A 33 -14.01 -16.82 -5.68
CA ALA A 33 -13.43 -16.47 -6.98
C ALA A 33 -14.37 -16.79 -8.12
N GLU A 34 -15.06 -17.93 -8.04
CA GLU A 34 -15.90 -18.38 -9.14
C GLU A 34 -17.33 -17.87 -9.08
N HIS A 35 -17.84 -17.64 -7.87
CA HIS A 35 -19.26 -17.34 -7.72
C HIS A 35 -19.59 -16.05 -6.98
N LEU A 36 -19.07 -15.91 -5.76
CA LEU A 36 -19.45 -14.79 -4.92
C LEU A 36 -19.04 -13.44 -5.53
N MET A 37 -17.74 -13.28 -5.81
CA MET A 37 -17.24 -12.00 -6.30
C MET A 37 -17.81 -11.62 -7.67
N PRO A 38 -17.86 -12.56 -8.62
CA PRO A 38 -18.46 -12.25 -9.92
C PRO A 38 -19.91 -11.77 -9.81
N THR A 39 -20.64 -12.32 -8.84
CA THR A 39 -22.01 -11.92 -8.62
C THR A 39 -22.09 -10.53 -7.99
N LEU A 40 -21.19 -10.25 -7.05
CA LEU A 40 -21.10 -8.92 -6.46
C LEU A 40 -20.86 -7.87 -7.55
N GLN A 41 -19.93 -8.17 -8.45
CA GLN A 41 -19.55 -7.23 -9.50
C GLN A 41 -20.64 -7.07 -10.55
N GLY A 42 -21.45 -8.11 -10.73
CA GLY A 42 -22.60 -8.00 -11.61
C GLY A 42 -23.71 -7.15 -11.02
N LEU A 43 -23.77 -7.05 -9.69
CA LEU A 43 -24.84 -6.30 -9.03
C LEU A 43 -24.46 -4.86 -8.72
N LEU A 44 -23.17 -4.61 -8.48
CA LEU A 44 -22.73 -3.31 -8.00
C LEU A 44 -21.60 -2.75 -8.84
N ASP A 45 -21.67 -1.45 -9.13
CA ASP A 45 -20.57 -0.76 -9.79
C ASP A 45 -19.37 -0.74 -8.83
N PRO A 46 -18.18 -0.43 -9.36
CA PRO A 46 -16.95 -0.52 -8.54
C PRO A 46 -16.98 0.28 -7.25
N GLU A 47 -17.38 1.56 -7.31
CA GLU A 47 -17.36 2.37 -6.11
C GLU A 47 -18.38 1.91 -5.08
N SER A 48 -19.55 1.48 -5.53
CA SER A 48 -20.57 0.96 -4.64
C SER A 48 -20.08 -0.31 -3.95
N ALA A 49 -19.42 -1.17 -4.71
CA ALA A 49 -18.89 -2.41 -4.16
C ALA A 49 -17.82 -2.10 -3.12
N HIS A 50 -16.97 -1.13 -3.43
CA HIS A 50 -15.91 -0.68 -2.53
C HIS A 50 -16.51 -0.20 -1.20
N ARG A 51 -17.55 0.63 -1.28
CA ARG A 51 -18.22 1.13 -0.08
C ARG A 51 -18.80 0.02 0.76
N LEU A 52 -19.51 -0.90 0.11
CA LEU A 52 -20.12 -2.02 0.81
C LEU A 52 -19.07 -2.90 1.48
N ALA A 53 -17.98 -3.14 0.77
CA ALA A 53 -16.89 -3.97 1.28
C ALA A 53 -16.26 -3.33 2.52
N VAL A 54 -16.07 -2.02 2.49
CA VAL A 54 -15.57 -1.33 3.67
C VAL A 54 -16.55 -1.49 4.83
N ARG A 55 -17.84 -1.41 4.56
CA ARG A 55 -18.86 -1.60 5.60
C ARG A 55 -18.79 -3.00 6.19
N PHE A 56 -18.77 -4.02 5.33
CA PHE A 56 -18.72 -5.40 5.79
C PHE A 56 -17.46 -5.68 6.59
N THR A 57 -16.34 -5.14 6.12
CA THR A 57 -15.07 -5.37 6.79
C THR A 57 -15.09 -4.77 8.20
N SER A 58 -15.63 -3.56 8.32
CA SER A 58 -15.64 -2.88 9.61
C SER A 58 -16.55 -3.59 10.61
N LEU A 59 -17.50 -4.37 10.09
CA LEU A 59 -18.40 -5.14 10.94
C LEU A 59 -17.88 -6.55 11.21
N GLY A 60 -16.80 -6.93 10.53
CA GLY A 60 -16.22 -8.25 10.76
C GLY A 60 -16.98 -9.34 10.01
N LEU A 61 -17.82 -8.94 9.07
CA LEU A 61 -18.56 -9.89 8.28
C LEU A 61 -17.68 -10.48 7.19
N LEU A 62 -16.72 -11.28 7.64
CA LEU A 62 -15.74 -11.90 6.76
C LEU A 62 -15.79 -13.42 6.83
N PRO A 63 -15.25 -14.12 5.81
CA PRO A 63 -15.05 -15.57 5.92
C PRO A 63 -14.03 -15.89 6.99
N ARG A 64 -14.06 -17.11 7.51
CA ARG A 64 -13.04 -17.55 8.45
C ARG A 64 -11.65 -17.51 7.83
N ALA A 65 -10.71 -16.93 8.59
CA ALA A 65 -9.31 -16.81 8.17
C ALA A 65 -8.46 -17.85 8.89
N ARG A 66 -8.53 -19.07 8.39
CA ARG A 66 -7.98 -20.23 9.07
C ARG A 66 -6.47 -20.34 9.02
N PHE A 67 -5.86 -19.73 8.01
CA PHE A 67 -4.42 -19.80 7.86
C PHE A 67 -3.73 -19.24 9.09
N GLN A 68 -2.91 -20.08 9.71
CA GLN A 68 -2.10 -19.64 10.84
C GLN A 68 -0.70 -19.31 10.36
N ASP A 69 -0.25 -18.10 10.68
CA ASP A 69 1.05 -17.63 10.22
C ASP A 69 2.16 -18.41 10.91
N SER A 70 3.08 -18.95 10.12
CA SER A 70 4.24 -19.65 10.66
C SER A 70 5.37 -18.66 10.86
N ASP A 71 6.36 -19.05 11.65
CA ASP A 71 7.51 -18.19 11.93
C ASP A 71 8.26 -17.82 10.66
N MET A 72 8.14 -18.66 9.63
CA MET A 72 8.80 -18.39 8.34
C MET A 72 8.39 -17.05 7.75
N LEU A 73 7.18 -16.60 8.08
CA LEU A 73 6.60 -15.44 7.43
C LEU A 73 6.90 -14.14 8.19
N GLU A 74 7.47 -14.28 9.39
CA GLU A 74 7.75 -13.13 10.21
C GLU A 74 8.89 -12.31 9.65
N VAL A 75 8.72 -11.00 9.66
CA VAL A 75 9.76 -10.07 9.22
C VAL A 75 9.94 -9.00 10.27
N ARG A 76 11.19 -8.61 10.51
CA ARG A 76 11.44 -7.47 11.37
C ARG A 76 12.14 -6.37 10.59
N VAL A 77 11.44 -5.23 10.47
CA VAL A 77 11.91 -4.11 9.67
C VAL A 77 11.21 -2.86 10.17
N LEU A 78 11.73 -1.69 9.82
CA LEU A 78 11.09 -0.42 10.16
C LEU A 78 10.87 -0.24 11.67
N GLY A 79 11.63 -0.98 12.47
CA GLY A 79 11.53 -0.85 13.92
C GLY A 79 10.39 -1.65 14.50
N HIS A 80 9.87 -2.59 13.71
CA HIS A 80 8.75 -3.41 14.16
C HIS A 80 8.83 -4.86 13.70
N LYS A 81 8.05 -5.69 14.37
CA LYS A 81 7.86 -7.07 13.95
C LYS A 81 6.59 -7.13 13.13
N PHE A 82 6.65 -7.83 11.99
CA PHE A 82 5.48 -8.08 11.17
C PHE A 82 5.27 -9.58 11.16
N ARG A 83 4.09 -10.04 11.57
CA ARG A 83 3.88 -11.47 11.74
C ARG A 83 3.76 -12.18 10.40
N ASN A 84 3.33 -11.44 9.38
CA ASN A 84 3.50 -11.89 7.99
C ASN A 84 3.71 -10.66 7.11
N PRO A 85 4.27 -10.85 5.90
CA PRO A 85 4.71 -9.75 5.05
C PRO A 85 3.64 -9.20 4.12
N VAL A 86 2.39 -9.63 4.30
CA VAL A 86 1.34 -9.28 3.34
C VAL A 86 0.37 -8.23 3.91
N GLY A 87 0.49 -7.00 3.40
CA GLY A 87 -0.34 -5.92 3.90
C GLY A 87 -1.43 -5.54 2.93
N ILE A 88 -2.42 -4.79 3.43
CA ILE A 88 -3.41 -4.16 2.56
C ILE A 88 -2.90 -2.77 2.20
N ALA A 89 -2.88 -2.47 0.91
CA ALA A 89 -2.34 -1.20 0.43
C ALA A 89 -3.29 -0.04 0.73
N ALA A 90 -2.72 1.16 0.78
CA ALA A 90 -3.51 2.38 0.93
C ALA A 90 -4.60 2.46 -0.14
N GLY A 91 -5.72 3.08 0.22
CA GLY A 91 -6.74 3.36 -0.77
C GLY A 91 -7.99 2.52 -0.60
N PHE A 92 -7.90 1.45 0.18
CA PHE A 92 -9.08 0.63 0.43
C PHE A 92 -9.84 1.18 1.63
N ASP A 93 -9.12 1.29 2.74
CA ASP A 93 -9.65 1.95 3.92
C ASP A 93 -9.07 3.36 4.01
N LYS A 94 -9.65 4.28 3.25
CA LYS A 94 -9.12 5.65 3.15
C LYS A 94 -9.25 6.44 4.44
N HIS A 95 -10.27 6.15 5.23
CA HIS A 95 -10.60 6.99 6.39
C HIS A 95 -10.45 6.29 7.74
N GLY A 96 -9.83 5.11 7.74
CA GLY A 96 -9.56 4.42 9.00
C GLY A 96 -10.77 3.78 9.66
N GLU A 97 -11.67 3.22 8.85
CA GLU A 97 -12.96 2.72 9.35
C GLU A 97 -13.01 1.21 9.54
N ALA A 98 -12.01 0.50 9.04
CA ALA A 98 -12.12 -0.96 8.94
C ALA A 98 -10.85 -1.66 9.36
N VAL A 99 -10.02 -0.97 10.14
CA VAL A 99 -8.69 -1.46 10.44
C VAL A 99 -8.71 -2.85 11.09
N ASP A 100 -9.56 -3.04 12.09
CA ASP A 100 -9.60 -4.31 12.80
C ASP A 100 -10.16 -5.44 11.92
N GLY A 101 -11.14 -5.12 11.09
CA GLY A 101 -11.64 -6.11 10.15
C GLY A 101 -10.55 -6.56 9.19
N LEU A 102 -9.65 -5.65 8.84
CA LEU A 102 -8.58 -5.98 7.93
C LEU A 102 -7.54 -6.90 8.56
N TYR A 103 -7.23 -6.69 9.83
CA TYR A 103 -6.37 -7.66 10.53
C TYR A 103 -7.07 -9.01 10.61
N LYS A 104 -8.38 -9.00 10.81
CA LYS A 104 -9.14 -10.24 10.89
C LYS A 104 -9.06 -11.00 9.56
N MET A 105 -8.93 -10.24 8.47
CA MET A 105 -8.84 -10.81 7.14
C MET A 105 -7.51 -11.55 6.96
N GLY A 106 -6.54 -11.25 7.82
CA GLY A 106 -5.29 -11.98 7.79
C GLY A 106 -4.07 -11.18 7.34
N PHE A 107 -4.26 -9.89 7.06
CA PHE A 107 -3.15 -9.03 6.68
C PHE A 107 -2.18 -8.85 7.86
N GLY A 108 -0.89 -8.89 7.56
CA GLY A 108 0.13 -8.74 8.59
C GLY A 108 0.36 -7.28 8.98
N PHE A 109 -0.12 -6.37 8.14
CA PHE A 109 -0.13 -4.96 8.51
C PHE A 109 -1.13 -4.21 7.65
N VAL A 110 -1.57 -3.06 8.14
CA VAL A 110 -2.64 -2.31 7.50
C VAL A 110 -2.20 -0.88 7.26
N GLU A 111 -2.46 -0.38 6.05
CA GLU A 111 -2.17 1.02 5.75
C GLU A 111 -3.47 1.71 5.40
N ILE A 112 -3.80 2.78 6.12
CA ILE A 112 -4.99 3.56 5.80
C ILE A 112 -4.59 4.85 5.08
N GLY A 113 -5.57 5.50 4.46
CA GLY A 113 -5.29 6.70 3.70
C GLY A 113 -5.53 6.45 2.22
N SER A 114 -5.18 7.42 1.38
CA SER A 114 -4.54 8.66 1.82
C SER A 114 -5.50 9.59 2.54
N VAL A 115 -4.99 10.28 3.56
CA VAL A 115 -5.76 11.26 4.33
C VAL A 115 -5.24 12.66 4.02
N THR A 116 -6.16 13.60 3.73
CA THR A 116 -5.78 14.98 3.47
C THR A 116 -6.09 15.84 4.71
N PRO A 117 -5.42 16.99 4.84
CA PRO A 117 -5.60 17.79 6.08
C PRO A 117 -7.05 18.19 6.34
N LYS A 118 -7.68 18.82 5.35
CA LYS A 118 -9.09 19.16 5.46
C LYS A 118 -9.91 18.13 4.69
N PRO A 119 -11.18 17.95 5.08
CA PRO A 119 -12.09 17.08 4.33
C PRO A 119 -12.21 17.57 2.88
N GLN A 120 -12.32 16.63 1.95
CA GLN A 120 -12.64 16.99 0.57
C GLN A 120 -13.30 15.81 -0.14
N GLU A 121 -14.04 16.11 -1.21
CA GLU A 121 -14.92 15.13 -1.84
C GLU A 121 -14.25 14.26 -2.89
N GLY A 122 -13.13 14.73 -3.44
CA GLY A 122 -12.51 14.03 -4.55
C GLY A 122 -13.22 14.33 -5.86
N ASN A 123 -12.91 13.57 -6.91
CA ASN A 123 -13.44 13.84 -8.24
C ASN A 123 -14.91 13.43 -8.37
N PRO A 124 -15.61 13.99 -9.37
CA PRO A 124 -16.98 13.56 -9.65
C PRO A 124 -17.04 12.11 -10.12
N ARG A 125 -18.16 11.44 -9.82
CA ARG A 125 -18.39 10.07 -10.26
C ARG A 125 -18.89 10.05 -11.71
N PRO A 126 -18.67 8.93 -12.43
CA PRO A 126 -17.96 7.74 -11.97
C PRO A 126 -16.45 7.99 -11.93
N ARG A 127 -15.76 7.31 -11.02
CA ARG A 127 -14.34 7.56 -10.84
C ARG A 127 -13.58 6.27 -10.51
N VAL A 128 -14.25 5.14 -10.64
CA VAL A 128 -13.61 3.84 -10.52
C VAL A 128 -14.15 2.91 -11.61
N PHE A 129 -13.25 2.15 -12.23
CA PHE A 129 -13.61 1.36 -13.40
C PHE A 129 -12.92 0.01 -13.36
N ARG A 130 -13.69 -1.04 -13.68
CA ARG A 130 -13.15 -2.40 -13.76
C ARG A 130 -12.69 -2.73 -15.16
N LEU A 131 -11.56 -3.42 -15.26
CA LEU A 131 -11.13 -4.03 -16.51
C LEU A 131 -10.99 -5.53 -16.28
N PRO A 132 -12.10 -6.26 -16.33
CA PRO A 132 -12.13 -7.68 -15.98
C PRO A 132 -11.18 -8.53 -16.84
N GLU A 133 -11.10 -8.19 -18.13
CA GLU A 133 -10.29 -8.98 -19.06
C GLU A 133 -8.81 -8.84 -18.75
N ASP A 134 -8.46 -7.81 -17.99
CA ASP A 134 -7.06 -7.52 -17.71
C ASP A 134 -6.73 -7.75 -16.24
N GLN A 135 -7.73 -8.17 -15.47
CA GLN A 135 -7.62 -8.23 -14.02
C GLN A 135 -7.00 -6.93 -13.50
N ALA A 136 -7.61 -5.82 -13.87
CA ALA A 136 -7.08 -4.49 -13.58
C ALA A 136 -8.20 -3.56 -13.15
N VAL A 137 -7.82 -2.48 -12.46
CA VAL A 137 -8.75 -1.40 -12.14
C VAL A 137 -8.13 -0.07 -12.57
N ILE A 138 -8.99 0.86 -12.98
CA ILE A 138 -8.56 2.24 -13.15
C ILE A 138 -9.40 3.10 -12.20
N ASN A 139 -8.73 3.95 -11.43
CA ASN A 139 -9.44 4.85 -10.53
C ASN A 139 -8.91 6.26 -10.65
N ARG A 140 -9.81 7.22 -10.50
CA ARG A 140 -9.43 8.62 -10.33
C ARG A 140 -10.23 9.23 -9.18
N TYR A 141 -10.18 8.58 -8.03
CA TYR A 141 -10.84 9.07 -6.82
C TYR A 141 -10.52 10.54 -6.52
N GLY A 142 -9.24 10.89 -6.60
CA GLY A 142 -8.84 12.26 -6.33
C GLY A 142 -8.72 12.61 -4.86
N PHE A 143 -8.32 11.66 -4.02
CA PHE A 143 -8.10 11.94 -2.61
C PHE A 143 -9.39 12.37 -1.90
N ASN A 144 -10.48 11.66 -2.14
CA ASN A 144 -11.67 11.83 -1.29
C ASN A 144 -11.27 11.43 0.12
N SER A 145 -11.54 12.30 1.09
CA SER A 145 -11.04 12.10 2.44
C SER A 145 -11.91 12.78 3.50
N HIS A 146 -12.11 12.09 4.61
CA HIS A 146 -12.79 12.65 5.77
C HIS A 146 -11.93 13.72 6.45
N GLY A 147 -10.65 13.77 6.09
CA GLY A 147 -9.75 14.75 6.67
C GLY A 147 -9.07 14.29 7.95
N LEU A 148 -8.00 14.98 8.32
CA LEU A 148 -7.17 14.58 9.47
C LEU A 148 -7.95 14.46 10.78
N SER A 149 -8.77 15.47 11.07
CA SER A 149 -9.43 15.56 12.37
C SER A 149 -10.35 14.35 12.62
N VAL A 150 -11.16 14.02 11.63
CA VAL A 150 -12.05 12.86 11.76
C VAL A 150 -11.27 11.56 11.93
N VAL A 151 -10.23 11.37 11.12
CA VAL A 151 -9.43 10.16 11.19
C VAL A 151 -8.66 10.08 12.51
N GLU A 152 -8.17 11.21 12.98
CA GLU A 152 -7.47 11.28 14.27
C GLU A 152 -8.35 10.73 15.40
N HIS A 153 -9.59 11.21 15.47
CA HIS A 153 -10.49 10.77 16.52
C HIS A 153 -10.86 9.30 16.34
N ARG A 154 -10.99 8.87 15.10
CA ARG A 154 -11.26 7.47 14.81
C ARG A 154 -10.13 6.57 15.33
N LEU A 155 -8.88 6.96 15.09
CA LEU A 155 -7.75 6.15 15.53
C LEU A 155 -7.55 6.23 17.05
N ARG A 156 -7.79 7.42 17.61
CA ARG A 156 -7.68 7.59 19.06
C ARG A 156 -8.62 6.65 19.80
N ALA A 157 -9.78 6.37 19.22
CA ALA A 157 -10.79 5.57 19.90
C ALA A 157 -10.35 4.11 20.05
N ARG A 158 -9.37 3.69 19.26
CA ARG A 158 -8.88 2.31 19.30
C ARG A 158 -7.38 2.27 19.51
N GLN A 159 -6.83 3.37 20.02
CA GLN A 159 -5.39 3.57 20.08
C GLN A 159 -4.66 2.50 20.88
N GLN A 160 -5.23 2.13 22.02
CA GLN A 160 -4.57 1.16 22.90
C GLN A 160 -4.70 -0.24 22.36
N LYS A 161 -5.80 -0.51 21.68
CA LYS A 161 -5.98 -1.79 21.03
C LYS A 161 -4.93 -1.95 19.92
N GLN A 162 -4.69 -0.88 19.17
CA GLN A 162 -3.66 -0.91 18.14
C GLN A 162 -2.28 -1.12 18.75
N ALA A 163 -2.03 -0.52 19.91
CA ALA A 163 -0.74 -0.68 20.57
C ALA A 163 -0.45 -2.14 20.85
N LYS A 164 -1.47 -2.88 21.27
CA LYS A 164 -1.31 -4.31 21.54
C LYS A 164 -1.15 -5.08 20.25
N LEU A 165 -1.94 -4.72 19.23
CA LEU A 165 -1.81 -5.34 17.92
C LEU A 165 -0.39 -5.18 17.39
N THR A 166 0.13 -3.95 17.45
CA THR A 166 1.49 -3.69 16.99
C THR A 166 2.52 -4.52 17.76
N GLU A 167 2.42 -4.51 19.08
CA GLU A 167 3.30 -5.33 19.90
C GLU A 167 3.21 -6.80 19.49
N ASP A 168 2.03 -7.19 19.02
CA ASP A 168 1.79 -8.55 18.56
C ASP A 168 2.24 -8.80 17.12
N GLY A 169 2.90 -7.82 16.52
CA GLY A 169 3.40 -7.99 15.16
C GLY A 169 2.42 -7.61 14.07
N LEU A 170 1.46 -6.75 14.40
CA LEU A 170 0.49 -6.27 13.41
C LEU A 170 0.45 -4.74 13.34
N PRO A 171 1.46 -4.13 12.71
CA PRO A 171 1.67 -2.69 12.65
C PRO A 171 0.64 -1.93 11.82
N LEU A 172 0.56 -0.62 12.05
CA LEU A 172 -0.40 0.23 11.36
C LEU A 172 0.33 1.35 10.62
N GLY A 173 0.03 1.51 9.35
CA GLY A 173 0.60 2.61 8.58
C GLY A 173 -0.46 3.61 8.20
N VAL A 174 -0.04 4.86 8.05
CA VAL A 174 -0.95 5.95 7.67
C VAL A 174 -0.37 6.70 6.48
N ASN A 175 -1.15 6.80 5.42
CA ASN A 175 -0.70 7.40 4.18
C ASN A 175 -1.25 8.84 4.11
N LEU A 176 -0.35 9.80 3.95
CA LEU A 176 -0.70 11.22 4.02
C LEU A 176 -0.80 11.86 2.64
N GLY A 177 -1.91 12.53 2.38
CA GLY A 177 -2.07 13.24 1.12
C GLY A 177 -2.12 14.74 1.32
N LYS A 178 -2.47 15.47 0.27
CA LYS A 178 -2.61 16.91 0.40
C LYS A 178 -3.87 17.39 -0.30
N ASN A 179 -4.45 18.48 0.21
CA ASN A 179 -5.68 19.00 -0.35
C ASN A 179 -5.47 19.54 -1.76
N LYS A 180 -6.52 19.40 -2.58
CA LYS A 180 -6.49 19.86 -3.96
C LYS A 180 -6.12 21.35 -4.09
N THR A 181 -6.67 22.18 -3.22
CA THR A 181 -6.45 23.62 -3.33
C THR A 181 -5.21 24.08 -2.54
N SER A 182 -4.54 23.13 -1.91
CA SER A 182 -3.41 23.47 -1.05
C SER A 182 -2.35 24.28 -1.77
N VAL A 183 -2.00 25.42 -1.19
CA VAL A 183 -0.96 26.30 -1.73
C VAL A 183 0.43 25.79 -1.41
N ASP A 184 0.59 25.19 -0.23
CA ASP A 184 1.88 24.80 0.28
C ASP A 184 1.88 23.29 0.59
N ALA A 185 2.45 22.50 -0.31
CA ALA A 185 2.36 21.04 -0.20
C ALA A 185 3.07 20.51 1.04
N ALA A 186 4.25 21.05 1.33
CA ALA A 186 5.03 20.58 2.46
C ALA A 186 4.27 20.81 3.76
N GLU A 187 3.51 21.90 3.82
CA GLU A 187 2.74 22.19 5.02
C GLU A 187 1.55 21.25 5.20
N ASP A 188 0.91 20.85 4.11
CA ASP A 188 -0.10 19.80 4.18
C ASP A 188 0.47 18.52 4.79
N TYR A 189 1.63 18.09 4.31
CA TYR A 189 2.23 16.86 4.84
C TYR A 189 2.70 17.02 6.27
N ALA A 190 3.26 18.19 6.59
CA ALA A 190 3.71 18.46 7.95
C ALA A 190 2.54 18.37 8.93
N GLU A 191 1.38 18.88 8.53
CA GLU A 191 0.17 18.78 9.36
C GLU A 191 -0.17 17.31 9.63
N GLY A 192 -0.11 16.50 8.57
CA GLY A 192 -0.41 15.09 8.70
C GLY A 192 0.54 14.39 9.65
N VAL A 193 1.82 14.77 9.60
CA VAL A 193 2.82 14.21 10.50
C VAL A 193 2.48 14.56 11.95
N ARG A 194 2.10 15.81 12.18
CA ARG A 194 1.79 16.28 13.52
C ARG A 194 0.53 15.64 14.10
N VAL A 195 -0.49 15.45 13.27
CA VAL A 195 -1.76 14.95 13.76
C VAL A 195 -1.84 13.42 13.81
N LEU A 196 -1.38 12.74 12.76
CA LEU A 196 -1.53 11.29 12.72
C LEU A 196 -0.22 10.53 12.99
N GLY A 197 0.91 11.23 12.90
CA GLY A 197 2.18 10.60 13.22
C GLY A 197 2.20 9.93 14.59
N PRO A 198 1.64 10.57 15.62
CA PRO A 198 1.62 9.98 16.97
C PRO A 198 0.77 8.71 17.06
N LEU A 199 -0.05 8.47 16.04
CA LEU A 199 -0.97 7.33 16.07
C LEU A 199 -0.56 6.21 15.10
N ALA A 200 0.54 6.39 14.41
CA ALA A 200 0.95 5.45 13.38
C ALA A 200 2.30 4.81 13.69
N ASP A 201 2.47 3.56 13.26
CA ASP A 201 3.77 2.93 13.34
C ASP A 201 4.66 3.42 12.20
N TYR A 202 4.06 3.64 11.02
CA TYR A 202 4.76 4.32 9.95
C TYR A 202 3.87 5.28 9.19
N LEU A 203 4.49 6.33 8.64
CA LEU A 203 3.80 7.30 7.81
C LEU A 203 4.28 7.15 6.38
N VAL A 204 3.39 7.44 5.44
CA VAL A 204 3.78 7.42 4.03
C VAL A 204 3.53 8.78 3.43
N VAL A 205 4.57 9.34 2.84
CA VAL A 205 4.43 10.57 2.08
C VAL A 205 4.17 10.16 0.65
N ASN A 206 2.94 10.39 0.23
CA ASN A 206 2.48 9.94 -1.07
C ASN A 206 2.66 11.06 -2.08
N VAL A 207 3.76 10.97 -2.83
CA VAL A 207 4.05 11.96 -3.85
C VAL A 207 3.84 11.37 -5.24
N SER A 208 2.95 10.37 -5.32
CA SER A 208 2.83 9.58 -6.54
C SER A 208 1.39 9.34 -7.00
N SER A 209 0.42 10.01 -6.39
CA SER A 209 -0.94 9.92 -6.88
C SER A 209 -1.06 10.53 -8.27
N PRO A 210 -1.68 9.78 -9.20
CA PRO A 210 -1.94 10.23 -10.58
C PRO A 210 -3.06 11.27 -10.66
N ASN A 211 -3.80 11.43 -9.57
CA ASN A 211 -5.12 12.05 -9.61
C ASN A 211 -5.21 13.40 -8.90
N THR A 212 -4.05 13.96 -8.53
CA THR A 212 -3.99 15.34 -8.07
C THR A 212 -2.95 16.10 -8.89
N ALA A 213 -3.38 17.13 -9.60
CA ALA A 213 -2.50 17.88 -10.49
C ALA A 213 -1.32 18.46 -9.72
N GLY A 214 -0.11 18.18 -10.22
CA GLY A 214 1.09 18.75 -9.62
C GLY A 214 1.77 17.87 -8.59
N LEU A 215 1.06 16.89 -8.06
CA LEU A 215 1.56 16.11 -6.93
C LEU A 215 2.84 15.34 -7.26
N ARG A 216 2.85 14.67 -8.41
CA ARG A 216 3.93 13.77 -8.75
C ARG A 216 5.25 14.49 -9.03
N SER A 217 5.17 15.79 -9.33
CA SER A 217 6.36 16.58 -9.57
C SER A 217 7.05 16.95 -8.25
N LEU A 218 6.41 16.59 -7.14
CA LEU A 218 7.06 16.65 -5.83
C LEU A 218 8.14 15.57 -5.78
N GLN A 219 8.24 14.79 -6.85
CA GLN A 219 9.21 13.70 -6.93
C GLN A 219 10.55 14.16 -7.51
N GLY A 220 10.60 15.38 -8.03
CA GLY A 220 11.87 15.96 -8.47
C GLY A 220 12.78 16.24 -7.28
N LYS A 221 14.06 16.54 -7.56
CA LYS A 221 15.09 16.46 -6.52
C LYS A 221 15.12 17.53 -5.43
N ALA A 222 15.40 18.78 -5.81
CA ALA A 222 15.56 19.85 -4.81
C ALA A 222 14.22 20.16 -4.13
N GLU A 223 13.13 19.86 -4.84
CA GLU A 223 11.79 20.07 -4.34
C GLU A 223 11.44 18.94 -3.38
N LEU A 224 11.90 17.73 -3.71
CA LEU A 224 11.68 16.57 -2.86
C LEU A 224 12.53 16.66 -1.59
N ARG A 225 13.75 17.18 -1.73
CA ARG A 225 14.65 17.30 -0.59
C ARG A 225 14.10 18.29 0.41
N ARG A 226 13.57 19.39 -0.10
CA ARG A 226 12.95 20.41 0.75
C ARG A 226 11.71 19.87 1.43
N LEU A 227 10.89 19.17 0.66
CA LEU A 227 9.67 18.55 1.18
C LEU A 227 9.97 17.54 2.27
N LEU A 228 10.92 16.64 2.01
CA LEU A 228 11.19 15.54 2.93
C LEU A 228 12.00 16.00 4.13
N THR A 229 12.79 17.04 3.96
CA THR A 229 13.51 17.62 5.08
C THR A 229 12.52 18.16 6.11
N LYS A 230 11.47 18.81 5.63
CA LYS A 230 10.46 19.36 6.52
C LYS A 230 9.65 18.25 7.20
N VAL A 231 9.28 17.23 6.42
CA VAL A 231 8.56 16.08 6.96
C VAL A 231 9.34 15.40 8.09
N LEU A 232 10.62 15.16 7.85
CA LEU A 232 11.46 14.48 8.83
C LEU A 232 11.71 15.33 10.08
N GLN A 233 11.80 16.65 9.90
CA GLN A 233 11.97 17.53 11.06
C GLN A 233 10.71 17.49 11.93
N GLU A 234 9.55 17.57 11.31
CA GLU A 234 8.29 17.46 12.05
C GLU A 234 8.20 16.12 12.78
N ARG A 235 8.63 15.05 12.10
CA ARG A 235 8.59 13.71 12.67
C ARG A 235 9.51 13.62 13.90
N ASP A 236 10.71 14.16 13.76
CA ASP A 236 11.69 14.11 14.83
C ASP A 236 11.26 14.95 16.03
N GLY A 237 10.33 15.87 15.80
CA GLY A 237 9.80 16.67 16.89
C GLY A 237 8.75 15.97 17.74
N LEU A 238 8.35 14.76 17.35
CA LEU A 238 7.37 14.01 18.14
C LEU A 238 8.09 13.26 19.26
N ARG A 239 7.38 13.04 20.37
CA ARG A 239 7.96 12.31 21.50
C ARG A 239 8.30 10.89 21.10
N ARG A 240 9.37 10.34 21.67
CA ARG A 240 9.98 9.12 21.18
C ARG A 240 9.00 7.96 20.99
N VAL A 241 8.19 7.69 21.99
CA VAL A 241 7.27 6.56 21.92
C VAL A 241 6.21 6.74 20.84
N HIS A 242 6.08 7.96 20.33
CA HIS A 242 5.08 8.27 19.31
C HIS A 242 5.70 8.69 17.99
N ARG A 243 6.92 8.24 17.74
CA ARG A 243 7.67 8.67 16.58
C ARG A 243 7.68 7.57 15.49
N PRO A 244 6.89 7.78 14.42
CA PRO A 244 6.76 6.80 13.34
C PRO A 244 7.97 6.78 12.40
N ALA A 245 8.19 5.65 11.73
CA ALA A 245 9.06 5.63 10.56
C ALA A 245 8.38 6.44 9.46
N VAL A 246 9.19 7.03 8.57
CA VAL A 246 8.67 7.77 7.43
C VAL A 246 9.10 7.13 6.12
N LEU A 247 8.12 6.79 5.28
CA LEU A 247 8.40 6.19 3.98
C LEU A 247 7.90 7.10 2.86
N VAL A 248 8.52 6.97 1.69
CA VAL A 248 8.07 7.66 0.49
C VAL A 248 7.49 6.65 -0.48
N LYS A 249 6.31 6.96 -1.01
CA LYS A 249 5.66 6.08 -1.97
C LYS A 249 5.76 6.70 -3.36
N ILE A 250 6.28 5.95 -4.31
CA ILE A 250 6.59 6.51 -5.63
C ILE A 250 5.78 5.86 -6.74
N ALA A 251 5.73 6.55 -7.86
CA ALA A 251 5.04 6.05 -9.05
C ALA A 251 5.91 5.04 -9.78
N PRO A 252 5.29 4.21 -10.62
CA PRO A 252 5.98 3.34 -11.56
C PRO A 252 6.43 4.10 -12.81
N ASP A 253 6.06 5.37 -12.90
CA ASP A 253 6.19 6.12 -14.15
C ASP A 253 7.36 7.11 -14.13
N LEU A 254 8.41 6.78 -13.40
CA LEU A 254 9.53 7.69 -13.22
C LEU A 254 10.60 7.46 -14.28
N THR A 255 11.25 8.53 -14.72
CA THR A 255 12.43 8.40 -15.57
C THR A 255 13.58 7.82 -14.74
N SER A 256 14.61 7.34 -15.42
CA SER A 256 15.82 6.88 -14.74
C SER A 256 16.41 7.99 -13.88
N GLN A 257 16.32 9.23 -14.38
CA GLN A 257 16.85 10.37 -13.65
C GLN A 257 16.07 10.60 -12.36
N ASP A 258 14.75 10.46 -12.43
CA ASP A 258 13.89 10.61 -11.24
C ASP A 258 14.26 9.60 -10.16
N LYS A 259 14.39 8.34 -10.55
CA LYS A 259 14.65 7.27 -9.59
C LYS A 259 16.02 7.46 -8.96
N GLU A 260 16.99 7.81 -9.80
CA GLU A 260 18.35 8.09 -9.37
C GLU A 260 18.35 9.22 -8.34
N ASP A 261 17.55 10.25 -8.60
CA ASP A 261 17.48 11.41 -7.72
C ASP A 261 16.79 11.07 -6.41
N ILE A 262 15.71 10.29 -6.50
CA ILE A 262 14.99 9.88 -5.29
C ILE A 262 15.86 9.01 -4.39
N ALA A 263 16.59 8.08 -4.99
CA ALA A 263 17.47 7.21 -4.23
C ALA A 263 18.49 8.06 -3.46
N SER A 264 19.03 9.06 -4.13
CA SER A 264 20.05 9.93 -3.53
C SER A 264 19.51 10.75 -2.36
N VAL A 265 18.34 11.35 -2.54
CA VAL A 265 17.73 12.14 -1.47
C VAL A 265 17.33 11.28 -0.29
N VAL A 266 16.77 10.11 -0.58
CA VAL A 266 16.38 9.15 0.45
C VAL A 266 17.56 8.76 1.34
N LYS A 267 18.71 8.52 0.74
CA LYS A 267 19.88 8.13 1.53
C LYS A 267 20.52 9.32 2.23
N GLU A 268 20.49 10.48 1.58
CA GLU A 268 21.02 11.70 2.17
C GLU A 268 20.26 12.07 3.45
N LEU A 269 18.94 11.98 3.40
CA LEU A 269 18.10 12.45 4.50
C LEU A 269 17.77 11.37 5.52
N GLY A 270 18.09 10.13 5.20
CA GLY A 270 17.78 9.04 6.11
C GLY A 270 16.30 8.70 6.15
N ILE A 271 15.64 8.75 5.00
CA ILE A 271 14.27 8.26 4.89
C ILE A 271 14.26 6.78 5.27
N ASP A 272 13.25 6.35 5.99
CA ASP A 272 13.23 5.01 6.57
C ASP A 272 12.89 3.91 5.57
N GLY A 273 12.20 4.25 4.49
CA GLY A 273 11.81 3.22 3.54
C GLY A 273 11.08 3.76 2.33
N LEU A 274 10.85 2.88 1.36
CA LEU A 274 10.15 3.25 0.13
C LEU A 274 8.97 2.33 -0.06
N ILE A 275 7.88 2.87 -0.61
CA ILE A 275 6.80 2.03 -1.09
C ILE A 275 6.75 2.10 -2.62
N VAL A 276 6.78 0.95 -3.26
CA VAL A 276 7.05 0.85 -4.69
C VAL A 276 6.10 -0.23 -5.22
N THR A 277 5.03 0.12 -5.94
CA THR A 277 4.75 1.47 -6.45
C THR A 277 3.26 1.83 -6.29
N ASN A 278 2.93 3.08 -6.61
CA ASN A 278 1.54 3.49 -6.78
C ASN A 278 1.01 2.96 -8.11
N THR A 279 -0.18 3.42 -8.50
CA THR A 279 -0.76 3.06 -9.78
C THR A 279 -0.01 3.74 -10.94
N THR A 280 -0.21 3.24 -12.15
CA THR A 280 0.46 3.81 -13.32
C THR A 280 -0.49 4.61 -14.20
N VAL A 281 -0.01 5.74 -14.72
CA VAL A 281 -0.75 6.53 -15.70
C VAL A 281 -0.47 6.02 -17.10
N SER A 282 0.39 5.02 -17.21
CA SER A 282 0.64 4.39 -18.50
C SER A 282 -0.48 3.42 -18.80
N ARG A 283 -0.64 3.08 -20.07
CA ARG A 283 -1.53 2.01 -20.47
C ARG A 283 -0.73 1.01 -21.30
N PRO A 284 -0.24 -0.06 -20.65
CA PRO A 284 0.58 -1.04 -21.36
C PRO A 284 -0.16 -1.57 -22.59
N ALA A 285 0.59 -1.87 -23.63
CA ALA A 285 0.01 -2.49 -24.82
C ALA A 285 -0.64 -3.81 -24.43
N GLY A 286 -1.78 -4.12 -25.03
CA GLY A 286 -2.42 -5.39 -24.77
C GLY A 286 -3.62 -5.36 -23.84
N LEU A 287 -3.90 -4.20 -23.22
CA LEU A 287 -5.08 -4.08 -22.38
C LEU A 287 -6.32 -4.36 -23.22
N GLN A 288 -7.24 -5.17 -22.70
CA GLN A 288 -8.43 -5.57 -23.45
C GLN A 288 -9.70 -4.89 -22.94
N GLY A 289 -9.69 -4.44 -21.69
CA GLY A 289 -10.90 -3.90 -21.10
C GLY A 289 -11.46 -2.74 -21.92
N ALA A 290 -12.79 -2.69 -22.04
CA ALA A 290 -13.44 -1.63 -22.80
C ALA A 290 -13.11 -0.25 -22.22
N LEU A 291 -12.82 -0.19 -20.93
CA LEU A 291 -12.65 1.08 -20.22
C LEU A 291 -11.18 1.49 -20.08
N ARG A 292 -10.32 0.90 -20.92
CA ARG A 292 -8.88 1.09 -20.78
C ARG A 292 -8.43 2.53 -21.01
N SER A 293 -9.26 3.32 -21.68
CA SER A 293 -8.91 4.71 -21.99
C SER A 293 -9.47 5.74 -20.99
N GLU A 294 -10.09 5.27 -19.93
CA GLU A 294 -10.48 6.15 -18.83
C GLU A 294 -9.25 6.76 -18.17
N THR A 295 -9.35 8.04 -17.82
CA THR A 295 -8.30 8.73 -17.09
C THR A 295 -8.17 8.17 -15.68
N GLY A 296 -6.94 8.07 -15.19
CA GLY A 296 -6.70 7.59 -13.84
C GLY A 296 -5.49 6.68 -13.70
N GLY A 297 -5.33 6.12 -12.50
CA GLY A 297 -4.23 5.21 -12.27
C GLY A 297 -4.66 3.77 -12.48
N LEU A 298 -3.86 3.02 -13.23
CA LEU A 298 -4.13 1.62 -13.50
C LEU A 298 -3.44 0.74 -12.46
N SER A 299 -4.18 -0.24 -11.93
CA SER A 299 -3.67 -1.14 -10.91
C SER A 299 -3.88 -2.59 -11.33
N GLY A 300 -3.32 -3.52 -10.56
CA GLY A 300 -3.55 -4.93 -10.84
C GLY A 300 -2.52 -5.54 -11.76
N LYS A 301 -2.93 -6.59 -12.46
CA LYS A 301 -2.01 -7.43 -13.21
C LYS A 301 -1.12 -6.71 -14.24
N PRO A 302 -1.69 -5.79 -15.03
CA PRO A 302 -0.87 -5.07 -16.01
C PRO A 302 0.24 -4.24 -15.35
N LEU A 303 0.09 -3.98 -14.06
CA LEU A 303 1.08 -3.21 -13.30
C LEU A 303 2.18 -4.10 -12.71
N ARG A 304 1.90 -5.40 -12.60
CA ARG A 304 2.73 -6.24 -11.76
C ARG A 304 4.23 -6.14 -12.03
N ASP A 305 4.67 -6.44 -13.26
CA ASP A 305 6.10 -6.52 -13.50
C ASP A 305 6.77 -5.15 -13.64
N LEU A 306 5.99 -4.14 -14.02
CA LEU A 306 6.49 -2.77 -14.00
C LEU A 306 6.89 -2.40 -12.57
N SER A 307 6.03 -2.74 -11.62
CA SER A 307 6.30 -2.50 -10.20
CA SER A 307 6.30 -2.51 -10.20
C SER A 307 7.51 -3.31 -9.72
N THR A 308 7.56 -4.58 -10.09
CA THR A 308 8.67 -5.43 -9.66
C THR A 308 10.00 -4.86 -10.15
N GLN A 309 10.04 -4.41 -11.41
CA GLN A 309 11.26 -3.85 -11.98
C GLN A 309 11.67 -2.54 -11.28
N THR A 310 10.69 -1.76 -10.86
CA THR A 310 10.98 -0.52 -10.14
C THR A 310 11.56 -0.84 -8.75
N ILE A 311 11.06 -1.90 -8.13
CA ILE A 311 11.61 -2.38 -6.86
C ILE A 311 13.07 -2.81 -7.06
N ARG A 312 13.30 -3.58 -8.11
CA ARG A 312 14.64 -4.08 -8.42
C ARG A 312 15.61 -2.90 -8.56
N GLU A 313 15.18 -1.87 -9.28
CA GLU A 313 15.99 -0.70 -9.52
C GLU A 313 16.26 0.12 -8.26
N MET A 314 15.22 0.39 -7.47
CA MET A 314 15.39 1.19 -6.26
C MET A 314 16.23 0.47 -5.21
N TYR A 315 16.08 -0.85 -5.11
CA TYR A 315 16.87 -1.65 -4.19
C TYR A 315 18.36 -1.54 -4.52
N ALA A 316 18.68 -1.59 -5.81
CA ALA A 316 20.07 -1.49 -6.26
C ALA A 316 20.62 -0.07 -6.04
N LEU A 317 19.83 0.94 -6.37
CA LEU A 317 20.24 2.33 -6.19
C LEU A 317 20.45 2.69 -4.71
N THR A 318 19.82 1.96 -3.80
CA THR A 318 19.97 2.21 -2.37
C THR A 318 20.86 1.16 -1.68
N GLN A 319 21.50 0.32 -2.49
CA GLN A 319 22.44 -0.69 -1.98
C GLN A 319 21.78 -1.67 -1.03
N GLY A 320 20.48 -1.90 -1.21
CA GLY A 320 19.78 -2.84 -0.35
C GLY A 320 19.70 -2.39 1.09
N ARG A 321 20.01 -1.12 1.35
CA ARG A 321 20.04 -0.59 2.71
C ARG A 321 18.75 0.10 3.13
N VAL A 322 17.86 0.34 2.18
CA VAL A 322 16.61 1.03 2.47
C VAL A 322 15.43 0.07 2.28
N PRO A 323 14.70 -0.22 3.38
CA PRO A 323 13.56 -1.14 3.32
C PRO A 323 12.54 -0.75 2.25
N ILE A 324 12.07 -1.72 1.48
CA ILE A 324 11.08 -1.47 0.44
C ILE A 324 9.81 -2.28 0.68
N ILE A 325 8.67 -1.62 0.58
CA ILE A 325 7.39 -2.33 0.53
C ILE A 325 6.97 -2.41 -0.93
N GLY A 326 6.82 -3.64 -1.42
CA GLY A 326 6.51 -3.83 -2.82
C GLY A 326 5.02 -3.98 -3.06
N VAL A 327 4.50 -3.22 -4.03
CA VAL A 327 3.06 -3.17 -4.27
C VAL A 327 2.82 -3.07 -5.77
N GLY A 328 1.82 -3.81 -6.26
CA GLY A 328 1.48 -3.74 -7.67
C GLY A 328 1.20 -5.11 -8.28
N GLY A 329 -0.07 -5.44 -8.44
CA GLY A 329 -0.44 -6.64 -9.17
C GLY A 329 -0.12 -7.96 -8.47
N VAL A 330 -0.01 -7.94 -7.14
CA VAL A 330 0.22 -9.18 -6.39
C VAL A 330 -1.10 -9.90 -6.16
N SER A 331 -1.21 -11.14 -6.65
CA SER A 331 -2.37 -11.96 -6.34
C SER A 331 -2.04 -13.41 -6.07
N SER A 332 -0.76 -13.73 -5.93
CA SER A 332 -0.34 -15.09 -5.63
C SER A 332 0.96 -15.09 -4.86
N GLY A 333 1.31 -16.25 -4.32
CA GLY A 333 2.58 -16.39 -3.63
C GLY A 333 3.75 -16.11 -4.55
N GLN A 334 3.65 -16.53 -5.81
CA GLN A 334 4.73 -16.29 -6.77
C GLN A 334 4.93 -14.78 -6.98
N ASP A 335 3.82 -14.06 -7.15
CA ASP A 335 3.87 -12.61 -7.31
C ASP A 335 4.58 -11.94 -6.13
N ALA A 336 4.24 -12.38 -4.92
CA ALA A 336 4.82 -11.81 -3.71
C ALA A 336 6.32 -12.14 -3.63
N LEU A 337 6.65 -13.40 -3.85
CA LEU A 337 8.04 -13.84 -3.77
C LEU A 337 8.91 -13.15 -4.81
N GLU A 338 8.38 -12.91 -6.00
CA GLU A 338 9.17 -12.19 -7.02
C GLU A 338 9.54 -10.78 -6.57
N LYS A 339 8.62 -10.09 -5.89
CA LYS A 339 8.93 -8.76 -5.39
C LYS A 339 9.91 -8.83 -4.21
N ILE A 340 9.76 -9.82 -3.35
CA ILE A 340 10.67 -9.99 -2.23
C ILE A 340 12.08 -10.29 -2.72
N ARG A 341 12.21 -11.25 -3.63
CA ARG A 341 13.51 -11.55 -4.23
C ARG A 341 14.09 -10.34 -4.97
N ALA A 342 13.22 -9.48 -5.50
CA ALA A 342 13.65 -8.28 -6.20
C ALA A 342 14.14 -7.20 -5.23
N GLY A 343 13.78 -7.35 -3.96
CA GLY A 343 14.26 -6.41 -2.94
C GLY A 343 13.23 -5.94 -1.92
N ALA A 344 11.98 -6.39 -2.04
CA ALA A 344 10.95 -5.99 -1.08
C ALA A 344 11.09 -6.75 0.23
N SER A 345 11.05 -6.03 1.35
CA SER A 345 10.97 -6.66 2.67
C SER A 345 9.53 -7.01 3.04
N LEU A 346 8.58 -6.28 2.47
CA LEU A 346 7.15 -6.53 2.71
C LEU A 346 6.43 -6.30 1.38
N VAL A 347 5.24 -6.87 1.23
CA VAL A 347 4.41 -6.56 0.06
C VAL A 347 3.00 -6.13 0.47
N GLN A 348 2.31 -5.45 -0.44
CA GLN A 348 0.91 -5.13 -0.26
C GLN A 348 0.12 -5.56 -1.50
N LEU A 349 -1.17 -5.76 -1.32
CA LEU A 349 -2.06 -5.95 -2.45
C LEU A 349 -3.33 -5.14 -2.22
N TYR A 350 -4.06 -4.91 -3.29
CA TYR A 350 -5.35 -4.25 -3.19
C TYR A 350 -6.25 -4.82 -4.28
N THR A 351 -5.89 -4.61 -5.53
CA THR A 351 -6.77 -4.98 -6.64
C THR A 351 -7.16 -6.46 -6.60
N ALA A 352 -6.21 -7.34 -6.25
CA ALA A 352 -6.49 -8.77 -6.18
C ALA A 352 -7.67 -9.05 -5.23
N LEU A 353 -7.78 -8.24 -4.18
CA LEU A 353 -8.86 -8.39 -3.21
C LEU A 353 -10.22 -8.14 -3.87
N THR A 354 -10.26 -7.21 -4.83
CA THR A 354 -11.52 -6.85 -5.47
C THR A 354 -12.03 -7.94 -6.40
N PHE A 355 -11.11 -8.78 -6.88
CA PHE A 355 -11.49 -9.85 -7.81
C PHE A 355 -11.75 -11.16 -7.08
N TRP A 356 -10.92 -11.47 -6.10
CA TRP A 356 -10.95 -12.80 -5.49
C TRP A 356 -11.53 -12.77 -4.08
N GLY A 357 -11.66 -11.57 -3.51
CA GLY A 357 -12.25 -11.44 -2.19
C GLY A 357 -11.28 -11.81 -1.08
N PRO A 358 -11.73 -11.73 0.18
CA PRO A 358 -10.90 -11.99 1.37
C PRO A 358 -10.04 -13.26 1.35
N PRO A 359 -10.53 -14.34 0.74
CA PRO A 359 -9.72 -15.57 0.72
C PRO A 359 -8.36 -15.42 0.04
N VAL A 360 -8.18 -14.36 -0.74
CA VAL A 360 -6.94 -14.22 -1.50
C VAL A 360 -5.76 -14.01 -0.55
N VAL A 361 -6.04 -13.48 0.64
CA VAL A 361 -4.97 -13.20 1.58
C VAL A 361 -4.34 -14.47 2.12
N GLY A 362 -5.16 -15.40 2.59
CA GLY A 362 -4.65 -16.68 3.04
C GLY A 362 -4.00 -17.44 1.90
N LYS A 363 -4.57 -17.30 0.71
CA LYS A 363 -4.01 -17.95 -0.47
C LYS A 363 -2.57 -17.49 -0.74
N VAL A 364 -2.37 -16.17 -0.76
CA VAL A 364 -1.04 -15.62 -1.02
C VAL A 364 -0.04 -16.05 0.05
N LYS A 365 -0.45 -16.00 1.32
CA LYS A 365 0.44 -16.39 2.41
C LYS A 365 0.82 -17.86 2.31
N ARG A 366 -0.17 -18.71 2.03
CA ARG A 366 0.09 -20.16 1.96
C ARG A 366 1.01 -20.51 0.79
N GLU A 367 0.79 -19.89 -0.36
CA GLU A 367 1.64 -20.15 -1.53
C GLU A 367 3.05 -19.58 -1.32
N LEU A 368 3.15 -18.45 -0.64
CA LEU A 368 4.45 -17.85 -0.37
C LEU A 368 5.29 -18.78 0.50
N GLU A 369 4.67 -19.33 1.54
CA GLU A 369 5.37 -20.23 2.45
C GLU A 369 5.85 -21.49 1.72
N ALA A 370 4.98 -22.06 0.89
CA ALA A 370 5.34 -23.24 0.10
C ALA A 370 6.51 -22.97 -0.84
N LEU A 371 6.48 -21.82 -1.53
CA LEU A 371 7.54 -21.46 -2.45
C LEU A 371 8.85 -21.20 -1.72
N LEU A 372 8.77 -20.62 -0.53
CA LEU A 372 9.97 -20.37 0.26
C LEU A 372 10.69 -21.68 0.59
N LYS A 373 9.94 -22.67 1.09
CA LYS A 373 10.52 -23.97 1.38
C LYS A 373 11.10 -24.55 0.11
N GLU A 374 10.31 -24.47 -0.94
CA GLU A 374 10.63 -25.05 -2.24
C GLU A 374 11.95 -24.55 -2.78
N GLN A 375 12.26 -23.28 -2.53
CA GLN A 375 13.47 -22.68 -3.08
C GLN A 375 14.58 -22.59 -2.05
N GLY A 376 14.38 -23.26 -0.92
CA GLY A 376 15.46 -23.42 0.04
C GLY A 376 15.70 -22.26 0.99
N PHE A 377 14.72 -21.36 1.11
CA PHE A 377 14.83 -20.26 2.06
C PHE A 377 14.34 -20.68 3.44
N GLY A 378 15.08 -20.30 4.47
CA GLY A 378 14.64 -20.58 5.83
C GLY A 378 13.44 -19.75 6.22
N GLY A 379 13.34 -18.56 5.63
CA GLY A 379 12.18 -17.72 5.86
C GLY A 379 12.17 -16.55 4.89
N VAL A 380 11.13 -15.72 4.98
CA VAL A 380 11.02 -14.54 4.12
C VAL A 380 12.29 -13.70 4.15
N THR A 381 12.83 -13.50 5.34
CA THR A 381 13.98 -12.61 5.51
C THR A 381 15.16 -13.03 4.63
N ASP A 382 15.37 -14.34 4.50
CA ASP A 382 16.48 -14.86 3.71
C ASP A 382 16.30 -14.58 2.22
N ALA A 383 15.06 -14.35 1.81
CA ALA A 383 14.75 -14.20 0.39
C ALA A 383 14.81 -12.76 -0.07
N ILE A 384 14.76 -11.82 0.87
CA ILE A 384 14.78 -10.40 0.52
C ILE A 384 16.03 -10.05 -0.28
N GLY A 385 15.83 -9.62 -1.52
CA GLY A 385 16.96 -9.21 -2.34
C GLY A 385 17.74 -10.35 -2.98
N ALA A 386 17.27 -11.58 -2.84
CA ALA A 386 18.04 -12.75 -3.26
C ALA A 386 18.42 -12.74 -4.75
N ASP A 387 17.62 -12.07 -5.59
CA ASP A 387 17.94 -11.98 -7.02
C ASP A 387 19.23 -11.22 -7.27
N HIS A 388 19.55 -10.27 -6.38
CA HIS A 388 20.70 -9.41 -6.58
C HIS A 388 22.00 -10.10 -6.18
N ARG A 389 21.89 -11.24 -5.51
CA ARG A 389 23.05 -11.96 -5.00
C ARG A 389 23.37 -13.20 -5.84
N ARG A 390 22.75 -13.32 -7.00
CA ARG A 390 22.97 -14.47 -7.88
C ARG A 390 24.26 -14.33 -8.69
S SO4 B . 3.88 9.62 26.20
O1 SO4 B . 4.82 8.54 26.50
O2 SO4 B . 4.42 10.44 25.10
O3 SO4 B . 2.58 9.04 25.78
O4 SO4 B . 3.69 10.46 27.39
N1 FMN C . -2.48 4.65 -3.02
C2 FMN C . -2.23 5.66 -2.08
O2 FMN C . -1.09 5.88 -1.69
N3 FMN C . -3.31 6.41 -1.58
C4 FMN C . -4.61 6.15 -2.02
O4 FMN C . -5.55 6.81 -1.56
C4A FMN C . -4.85 5.14 -2.95
N5 FMN C . -6.15 4.89 -3.40
C5A FMN C . -6.40 3.85 -4.33
C6 FMN C . -7.70 3.54 -4.70
C7 FMN C . -7.96 2.47 -5.54
C7M FMN C . -9.40 2.15 -5.94
C8 FMN C . -6.90 1.70 -6.01
C8M FMN C . -7.15 0.48 -6.90
C9 FMN C . -5.59 2.01 -5.64
C9A FMN C . -5.34 3.09 -4.80
N10 FMN C . -4.02 3.38 -4.39
C10 FMN C . -3.78 4.40 -3.45
C1' FMN C . -2.87 2.61 -4.90
C2' FMN C . -2.67 1.28 -4.18
O2' FMN C . -2.30 1.55 -2.82
C3' FMN C . -1.58 0.43 -4.83
O3' FMN C . -0.34 1.13 -4.76
C4' FMN C . -1.88 0.11 -6.29
O4' FMN C . -3.28 -0.16 -6.47
C5' FMN C . -1.05 -1.08 -6.77
O5' FMN C . -1.38 -2.26 -6.03
P FMN C . -2.43 -3.33 -6.64
O1P FMN C . -2.37 -4.60 -5.64
O2P FMN C . -2.14 -3.71 -8.04
O3P FMN C . -3.89 -2.67 -6.45
O2 DOR D . -4.39 5.31 -7.71
C2 DOR D . -4.42 6.19 -6.85
N1 DOR D . -5.56 6.99 -6.68
N3 DOR D . -3.29 6.43 -6.05
C4 DOR D . -3.30 7.45 -5.09
O4 DOR D . -2.30 7.66 -4.40
C5 DOR D . -4.52 8.35 -4.92
C6 DOR D . -5.80 7.62 -5.38
C7 DOR D . -6.95 8.62 -5.49
O72 DOR D . -7.53 8.93 -4.42
O71 DOR D . -7.23 9.07 -6.63
N DET E . -16.17 5.55 -1.55
O DET E . -16.94 4.65 -2.40
CM1 DET E . -14.94 5.92 -2.24
CM2 DET E . -16.97 6.76 -1.31
C1 DET E . -15.82 4.86 -0.29
C2 DET E . -15.29 5.82 0.78
C3 DET E . -16.43 6.65 1.38
C4 DET E . -15.98 8.05 1.79
C5 DET E . -15.44 8.82 0.58
C6 DET E . -14.90 10.21 0.97
C7 DET E . -16.04 11.17 1.31
C8 DET E . -15.48 12.45 1.94
C9 DET E . -16.59 13.48 2.15
C10 DET E . -16.17 14.57 3.13
C11 DET E . -16.09 14.02 4.56
C ACT F . 10.70 -8.90 -14.08
O ACT F . 10.66 -8.96 -12.84
OXT ACT F . 11.53 -9.50 -14.80
CH3 ACT F . 9.66 -8.03 -14.78
CAA 951 G . -14.92 -7.61 -0.35
CAB 951 G . -13.81 -2.50 -6.40
OAC 951 G . -15.32 -7.31 -1.61
CAD 951 G . -15.57 -8.60 0.37
CAE 951 G . -14.65 -3.33 -7.39
CAF 951 G . -13.89 -6.82 -0.02
CAG 951 G . -14.51 -6.29 -2.02
NAH 951 G . -14.00 -4.54 -3.57
CAI 951 G . -13.64 -5.99 -1.05
CAJ 951 G . -14.68 -5.62 -3.22
CAK 951 G . -13.58 -2.96 -5.11
CAL 951 G . -15.65 -8.64 1.76
OAM 951 G . -15.46 -4.15 -6.92
NAN 951 G . -14.20 -4.06 -4.68
OAO 951 G . -14.44 -3.17 -8.61
CLAP 951 G . -14.87 -7.47 2.78
CAQ 951 G . -13.23 -1.31 -6.84
CAR 951 G . -16.24 -9.58 -0.36
CAS 951 G . -12.76 -2.22 -4.25
CAT 951 G . -16.39 -9.64 2.40
CAU 951 G . -12.41 -0.58 -5.97
CAV 951 G . -16.97 -10.58 0.27
CAW 951 G . -12.18 -1.04 -4.68
CAX 951 G . -17.05 -10.61 1.66
#